data_6P2I
#
_entry.id   6P2I
#
_cell.length_a   71.303
_cell.length_b   96.760
_cell.length_c   102.860
_cell.angle_alpha   90.00
_cell.angle_beta   90.00
_cell.angle_gamma   90.00
#
_symmetry.space_group_name_H-M   'P 21 21 21'
#
loop_
_entity.id
_entity.type
_entity.pdbx_description
1 polymer 'Glycerate dehydrogenase'
2 non-polymer 'NADP NICOTINAMIDE-ADENINE-DINUCLEOTIDE PHOSPHATE'
3 non-polymer D-ARGININE
4 non-polymer 1,2-ETHANEDIOL
5 water water
#
_entity_poly.entity_id   1
_entity_poly.type   'polypeptide(L)'
_entity_poly.pdbx_seq_one_letter_code
;MKITYIDKPTYLPSWVINKINEYGDFEVFYDFPNEEEAINRLSSTDIAIVEWTSITKEMIEKISRLKYLITITTSYDYID
VNSLKDNEIMVSNCPQYSKQAVAEHVFALLFAVNRKILQADETCRKGLSHIYPPFLCSEIRDKTIGLIGIGQIGQTVAEI
ANAFQMKVIGLNKSKRNVKGIQQVDITELMKKSDIISLHIPRNADTEIILTEKLLSLMKPDAVLINTCRGNLIDEQALYS
VLKQNRIRGAGLDDLTYYKDNPIIGLNNVVLTPGSAWYSYEAREKNMYELIENIESYLAQKPVNVILEHHHHHH
;
_entity_poly.pdbx_strand_id   A,B
#
# COMPACT_ATOMS: atom_id res chain seq x y z
N MET A 1 -16.04 38.77 21.95
CA MET A 1 -15.70 37.42 21.52
C MET A 1 -14.29 37.35 20.95
N LYS A 2 -13.42 36.69 21.70
CA LYS A 2 -12.04 36.44 21.30
C LYS A 2 -11.84 34.97 21.04
N ILE A 3 -11.17 34.64 19.94
CA ILE A 3 -10.86 33.28 19.54
C ILE A 3 -9.35 33.20 19.37
N THR A 4 -8.72 32.21 19.99
CA THR A 4 -7.27 32.12 20.00
C THR A 4 -6.81 30.71 19.66
N TYR A 5 -6.04 30.60 18.57
CA TYR A 5 -5.32 29.36 18.26
C TYR A 5 -4.02 29.45 19.06
N ILE A 6 -3.94 28.69 20.15
CA ILE A 6 -2.91 28.98 21.16
C ILE A 6 -1.54 28.42 20.84
N ASP A 7 -1.40 27.58 19.82
CA ASP A 7 -0.08 27.03 19.49
C ASP A 7 0.00 26.83 17.98
N LYS A 8 1.19 26.47 17.51
CA LYS A 8 1.56 26.58 16.09
C LYS A 8 0.71 25.70 15.18
N PRO A 9 -0.12 26.28 14.32
CA PRO A 9 -0.96 25.44 13.46
C PRO A 9 -0.12 24.76 12.39
N THR A 10 -0.43 23.48 12.15
CA THR A 10 0.13 22.83 10.98
C THR A 10 -0.39 23.49 9.71
N TYR A 11 -1.69 23.81 9.70
CA TYR A 11 -2.36 24.32 8.52
C TYR A 11 -3.41 25.33 8.96
N LEU A 12 -3.31 26.56 8.43
CA LEU A 12 -4.25 27.61 8.76
C LEU A 12 -4.14 28.65 7.64
N PRO A 13 -4.75 28.38 6.50
CA PRO A 13 -4.59 29.25 5.34
C PRO A 13 -5.32 30.56 5.53
N SER A 14 -4.99 31.51 4.64
CA SER A 14 -5.53 32.86 4.75
C SER A 14 -7.05 32.87 4.77
N TRP A 15 -7.68 32.02 3.95
CA TRP A 15 -9.14 32.08 3.87
C TRP A 15 -9.77 31.70 5.21
N VAL A 16 -9.12 30.83 5.97
CA VAL A 16 -9.64 30.46 7.28
C VAL A 16 -9.40 31.57 8.30
N ILE A 17 -8.21 32.16 8.27
CA ILE A 17 -7.94 33.30 9.16
C ILE A 17 -8.95 34.41 8.90
N ASN A 18 -9.23 34.70 7.62
CA ASN A 18 -10.19 35.75 7.32
C ASN A 18 -11.59 35.36 7.79
N LYS A 19 -11.97 34.10 7.59
CA LYS A 19 -13.30 33.65 8.00
C LYS A 19 -13.46 33.75 9.52
N ILE A 20 -12.46 33.31 10.28
CA ILE A 20 -12.66 33.29 11.72
C ILE A 20 -12.70 34.73 12.27
N ASN A 21 -11.96 35.65 11.65
CA ASN A 21 -12.06 37.04 12.06
C ASN A 21 -13.45 37.63 11.77
N GLU A 22 -14.29 36.93 10.97
CA GLU A 22 -15.67 37.38 10.85
C GLU A 22 -16.48 37.11 12.12
N TYR A 23 -16.08 36.11 12.90
CA TYR A 23 -16.81 35.69 14.09
C TYR A 23 -16.36 36.41 15.35
N GLY A 24 -15.15 36.96 15.36
CA GLY A 24 -14.65 37.66 16.53
C GLY A 24 -13.18 37.98 16.33
N ASP A 25 -12.57 38.46 17.42
CA ASP A 25 -11.14 38.79 17.39
C ASP A 25 -10.32 37.50 17.42
N PHE A 26 -9.69 37.18 16.30
CA PHE A 26 -8.94 35.95 16.13
C PHE A 26 -7.45 36.23 16.29
N GLU A 27 -6.79 35.48 17.17
CA GLU A 27 -5.35 35.61 17.37
C GLU A 27 -4.73 34.23 17.24
N VAL A 28 -3.61 34.16 16.54
CA VAL A 28 -2.91 32.89 16.29
C VAL A 28 -1.49 33.03 16.77
N PHE A 29 -1.00 32.02 17.50
CA PHE A 29 0.37 31.98 17.98
C PHE A 29 1.14 30.91 17.22
N TYR A 30 2.25 31.30 16.61
CA TYR A 30 3.02 30.36 15.81
C TYR A 30 4.22 29.83 16.59
N ASP A 31 3.95 29.30 17.78
CA ASP A 31 5.00 28.78 18.65
C ASP A 31 4.41 27.66 19.48
N PHE A 32 5.25 27.07 20.33
CA PHE A 32 4.78 26.14 21.34
C PHE A 32 4.87 26.87 22.67
N PRO A 33 3.75 27.18 23.31
CA PRO A 33 3.81 27.97 24.55
C PRO A 33 4.39 27.14 25.69
N ASN A 34 5.16 27.82 26.55
CA ASN A 34 5.46 27.23 27.85
C ASN A 34 4.18 27.20 28.68
N GLU A 35 4.21 26.51 29.82
CA GLU A 35 2.97 26.30 30.57
C GLU A 35 2.32 27.62 30.99
N GLU A 36 3.14 28.61 31.36
CA GLU A 36 2.60 29.89 31.79
C GLU A 36 1.97 30.66 30.62
N GLU A 37 2.63 30.63 29.46
CA GLU A 37 2.03 31.22 28.27
C GLU A 37 0.70 30.56 27.95
N ALA A 38 0.65 29.23 28.09
CA ALA A 38 -0.57 28.50 27.75
C ALA A 38 -1.72 28.93 28.65
N ILE A 39 -1.49 28.97 29.96
CA ILE A 39 -2.52 29.41 30.88
C ILE A 39 -2.95 30.84 30.57
N ASN A 40 -1.99 31.71 30.25
CA ASN A 40 -2.31 33.10 29.96
C ASN A 40 -3.13 33.20 28.68
N ARG A 41 -2.74 32.48 27.63
CA ARG A 41 -3.49 32.53 26.38
C ARG A 41 -4.89 31.97 26.58
N LEU A 42 -4.99 30.86 27.32
CA LEU A 42 -6.30 30.28 27.58
C LEU A 42 -7.18 31.21 28.40
N SER A 43 -6.58 31.98 29.32
CA SER A 43 -7.35 32.86 30.18
C SER A 43 -7.66 34.21 29.55
N SER A 44 -7.14 34.48 28.35
N SER A 44 -7.11 34.52 28.38
CA SER A 44 -7.34 35.76 27.69
CA SER A 44 -7.38 35.78 27.72
C SER A 44 -8.30 35.66 26.52
C SER A 44 -8.20 35.58 26.44
N THR A 45 -9.04 34.55 26.42
CA THR A 45 -9.85 34.26 25.26
C THR A 45 -11.17 33.65 25.71
N ASP A 46 -12.16 33.72 24.82
CA ASP A 46 -13.44 33.09 25.09
C ASP A 46 -13.54 31.71 24.44
N ILE A 47 -13.06 31.58 23.21
CA ILE A 47 -12.89 30.30 22.53
C ILE A 47 -11.40 30.08 22.32
N ALA A 48 -10.92 28.87 22.61
CA ALA A 48 -9.53 28.52 22.36
C ALA A 48 -9.48 27.34 21.40
N ILE A 49 -8.44 27.31 20.58
CA ILE A 49 -8.14 26.20 19.67
C ILE A 49 -6.75 25.69 20.02
N VAL A 50 -6.58 24.37 20.10
CA VAL A 50 -5.32 23.80 20.53
C VAL A 50 -4.93 22.66 19.61
N GLU A 51 -3.63 22.54 19.33
CA GLU A 51 -3.12 21.46 18.49
C GLU A 51 -2.07 20.59 19.18
N TRP A 52 -1.24 21.18 20.04
CA TRP A 52 -0.05 20.50 20.57
C TRP A 52 0.03 20.50 22.08
N THR A 53 -0.64 21.41 22.77
CA THR A 53 -0.29 21.71 24.14
C THR A 53 -1.13 20.90 25.10
N SER A 54 -0.46 20.20 26.02
CA SER A 54 -1.17 19.52 27.09
C SER A 54 -1.87 20.52 27.99
N ILE A 55 -3.11 20.24 28.33
CA ILE A 55 -3.89 21.09 29.23
C ILE A 55 -4.31 20.21 30.40
N THR A 56 -3.65 20.40 31.53
CA THR A 56 -3.81 19.55 32.70
C THR A 56 -4.78 20.16 33.69
N LYS A 57 -5.24 19.33 34.63
CA LYS A 57 -6.13 19.81 35.67
C LYS A 57 -5.48 20.95 36.46
N GLU A 58 -4.19 20.84 36.75
CA GLU A 58 -3.50 21.89 37.48
C GLU A 58 -3.55 23.22 36.72
N MET A 59 -3.43 23.15 35.39
CA MET A 59 -3.57 24.34 34.55
C MET A 59 -5.00 24.86 34.53
N ILE A 60 -5.98 23.96 34.40
CA ILE A 60 -7.37 24.37 34.26
C ILE A 60 -7.86 25.07 35.53
N GLU A 61 -7.37 24.66 36.70
CA GLU A 61 -7.75 25.35 37.93
C GLU A 61 -7.28 26.79 37.94
N LYS A 62 -6.26 27.14 37.15
CA LYS A 62 -5.75 28.50 37.08
C LYS A 62 -6.34 29.31 35.93
N ILE A 63 -7.19 28.71 35.11
CA ILE A 63 -7.76 29.36 33.95
C ILE A 63 -9.01 30.13 34.35
N SER A 64 -9.19 31.31 33.74
CA SER A 64 -10.42 32.07 33.86
C SER A 64 -10.88 32.45 32.46
N ARG A 65 -12.10 33.00 32.40
CA ARG A 65 -12.74 33.53 31.19
C ARG A 65 -13.11 32.47 30.16
N LEU A 66 -12.18 31.58 29.85
CA LEU A 66 -12.38 30.58 28.79
C LEU A 66 -13.70 29.83 28.95
N LYS A 67 -14.46 29.72 27.85
CA LYS A 67 -15.71 28.98 27.87
C LYS A 67 -15.75 27.79 26.93
N TYR A 68 -14.90 27.75 25.90
CA TYR A 68 -15.03 26.75 24.84
C TYR A 68 -13.64 26.44 24.29
N LEU A 69 -13.27 25.17 24.31
CA LEU A 69 -11.99 24.69 23.80
C LEU A 69 -12.25 23.75 22.65
N ILE A 70 -11.57 23.97 21.53
CA ILE A 70 -11.63 23.11 20.35
C ILE A 70 -10.26 22.50 20.15
N THR A 71 -10.19 21.17 20.10
CA THR A 71 -8.98 20.53 19.63
C THR A 71 -9.04 20.47 18.12
N ILE A 72 -7.96 20.89 17.46
CA ILE A 72 -7.89 20.77 16.01
C ILE A 72 -7.78 19.31 15.62
N THR A 73 -7.41 18.46 16.57
CA THR A 73 -7.21 17.03 16.39
C THR A 73 -8.50 16.26 16.64
N THR A 74 -8.54 15.02 16.12
CA THR A 74 -9.59 14.10 16.57
C THR A 74 -9.28 13.58 17.97
N SER A 75 -8.02 13.33 18.26
CA SER A 75 -7.64 12.93 19.60
CA SER A 75 -7.62 12.93 19.59
C SER A 75 -7.79 14.08 20.58
N TYR A 76 -8.10 13.73 21.81
CA TYR A 76 -8.13 14.73 22.88
C TYR A 76 -7.50 14.16 24.14
N ASP A 77 -6.58 13.20 23.98
CA ASP A 77 -5.98 12.52 25.11
C ASP A 77 -4.98 13.39 25.85
N TYR A 78 -4.59 14.51 25.28
CA TYR A 78 -3.65 15.44 25.91
C TYR A 78 -4.39 16.55 26.65
N ILE A 79 -5.72 16.47 26.71
CA ILE A 79 -6.59 17.45 27.35
C ILE A 79 -7.34 16.75 28.48
N ASP A 80 -7.33 17.35 29.68
CA ASP A 80 -8.10 16.79 30.80
C ASP A 80 -9.56 17.23 30.64
N VAL A 81 -10.32 16.44 29.87
CA VAL A 81 -11.69 16.82 29.53
C VAL A 81 -12.57 16.81 30.77
N ASN A 82 -12.37 15.84 31.66
CA ASN A 82 -13.16 15.80 32.89
C ASN A 82 -12.93 17.05 33.73
N SER A 83 -11.69 17.53 33.81
CA SER A 83 -11.42 18.74 34.57
C SER A 83 -12.04 19.96 33.90
N LEU A 84 -12.02 20.01 32.56
CA LEU A 84 -12.71 21.10 31.87
C LEU A 84 -14.21 21.06 32.16
N LYS A 85 -14.81 19.86 32.14
CA LYS A 85 -16.22 19.73 32.49
C LYS A 85 -16.47 20.25 33.91
N ASP A 86 -15.61 19.88 34.86
CA ASP A 86 -15.78 20.32 36.23
C ASP A 86 -15.62 21.84 36.40
N ASN A 87 -14.98 22.50 35.43
CA ASN A 87 -14.81 23.96 35.47
C ASN A 87 -15.69 24.66 34.45
N GLU A 88 -16.74 23.98 33.95
CA GLU A 88 -17.73 24.57 33.07
C GLU A 88 -17.12 25.10 31.77
N ILE A 89 -16.14 24.38 31.25
CA ILE A 89 -15.54 24.69 29.95
C ILE A 89 -15.90 23.58 28.99
N MET A 90 -16.57 23.93 27.91
CA MET A 90 -17.02 22.96 26.91
C MET A 90 -15.89 22.65 25.95
N VAL A 91 -15.88 21.40 25.45
CA VAL A 91 -14.81 20.90 24.58
C VAL A 91 -15.43 20.24 23.36
N SER A 92 -14.90 20.58 22.19
CA SER A 92 -15.21 19.88 20.94
C SER A 92 -13.91 19.43 20.30
N ASN A 93 -13.99 18.36 19.49
CA ASN A 93 -12.87 18.01 18.64
C ASN A 93 -13.26 18.24 17.18
N CYS A 94 -12.36 17.86 16.28
CA CYS A 94 -12.65 17.80 14.86
C CYS A 94 -12.67 16.32 14.51
N PRO A 95 -13.85 15.75 14.32
CA PRO A 95 -14.01 14.30 14.49
C PRO A 95 -13.77 13.44 13.26
N GLN A 96 -13.87 13.98 12.04
CA GLN A 96 -13.86 13.11 10.87
C GLN A 96 -12.89 13.52 9.77
N TYR A 97 -12.18 14.64 9.93
CA TYR A 97 -11.40 15.20 8.82
C TYR A 97 -10.42 14.21 8.24
N SER A 98 -9.83 13.33 9.04
CA SER A 98 -8.72 12.53 8.56
C SER A 98 -9.08 11.08 8.25
N LYS A 99 -10.34 10.67 8.42
CA LYS A 99 -10.61 9.24 8.45
C LYS A 99 -10.25 8.55 7.13
N GLN A 100 -10.45 9.21 6.00
CA GLN A 100 -10.07 8.58 4.73
C GLN A 100 -8.55 8.54 4.59
N ALA A 101 -7.87 9.64 4.94
CA ALA A 101 -6.40 9.66 4.89
C ALA A 101 -5.80 8.57 5.77
N VAL A 102 -6.32 8.41 6.99
CA VAL A 102 -5.72 7.43 7.90
C VAL A 102 -6.05 6.02 7.43
N ALA A 103 -7.28 5.78 6.99
CA ALA A 103 -7.64 4.46 6.49
C ALA A 103 -6.76 4.07 5.31
N GLU A 104 -6.51 5.00 4.39
CA GLU A 104 -5.61 4.67 3.28
C GLU A 104 -4.20 4.42 3.78
N HIS A 105 -3.78 5.14 4.83
CA HIS A 105 -2.44 4.92 5.38
C HIS A 105 -2.30 3.54 5.98
N VAL A 106 -3.39 2.99 6.55
CA VAL A 106 -3.32 1.63 7.06
C VAL A 106 -2.89 0.67 5.95
N PHE A 107 -3.47 0.85 4.76
CA PHE A 107 -3.11 -0.03 3.65
C PHE A 107 -1.74 0.32 3.09
N ALA A 108 -1.36 1.60 3.09
CA ALA A 108 0.01 1.96 2.74
C ALA A 108 1.01 1.22 3.63
N LEU A 109 0.80 1.24 4.94
CA LEU A 109 1.71 0.56 5.86
C LEU A 109 1.66 -0.94 5.69
N LEU A 110 0.45 -1.51 5.58
CA LEU A 110 0.29 -2.95 5.44
C LEU A 110 1.03 -3.47 4.22
N PHE A 111 0.87 -2.79 3.08
CA PHE A 111 1.56 -3.21 1.86
C PHE A 111 3.06 -3.00 1.98
N ALA A 112 3.49 -1.89 2.60
CA ALA A 112 4.92 -1.65 2.77
C ALA A 112 5.57 -2.75 3.61
N VAL A 113 4.86 -3.22 4.65
CA VAL A 113 5.36 -4.35 5.43
C VAL A 113 5.32 -5.63 4.61
N ASN A 114 4.17 -5.91 4.01
CA ASN A 114 3.96 -7.20 3.36
C ASN A 114 4.92 -7.39 2.20
N ARG A 115 5.17 -6.34 1.44
CA ARG A 115 6.00 -6.43 0.24
C ARG A 115 7.45 -6.05 0.54
N LYS A 116 7.77 -5.73 1.79
CA LYS A 116 9.12 -5.35 2.20
C LYS A 116 9.67 -4.26 1.28
N ILE A 117 8.85 -3.21 1.10
CA ILE A 117 9.17 -2.14 0.17
C ILE A 117 10.54 -1.52 0.49
N LEU A 118 10.85 -1.32 1.77
CA LEU A 118 12.14 -0.73 2.12
C LEU A 118 13.30 -1.57 1.57
N GLN A 119 13.25 -2.89 1.81
CA GLN A 119 14.32 -3.78 1.36
C GLN A 119 14.29 -3.97 -0.15
N ALA A 120 13.09 -3.95 -0.73
CA ALA A 120 12.94 -4.17 -2.16
C ALA A 120 13.54 -3.01 -2.93
N ASP A 121 13.24 -1.78 -2.49
CA ASP A 121 13.83 -0.62 -3.16
C ASP A 121 15.34 -0.63 -2.99
N GLU A 122 15.83 -0.92 -1.78
CA GLU A 122 17.27 -0.90 -1.55
C GLU A 122 17.98 -1.93 -2.43
N THR A 123 17.34 -3.08 -2.63
CA THR A 123 17.87 -4.10 -3.54
C THR A 123 18.09 -3.54 -4.93
N CYS A 124 17.09 -2.85 -5.47
CA CYS A 124 17.21 -2.26 -6.81
C CYS A 124 18.28 -1.17 -6.84
N ARG A 125 18.39 -0.36 -5.78
CA ARG A 125 19.42 0.68 -5.76
C ARG A 125 20.81 0.08 -5.78
N LYS A 126 20.95 -1.16 -5.33
CA LYS A 126 22.21 -1.90 -5.43
C LYS A 126 22.45 -2.46 -6.81
N GLY A 127 21.50 -2.28 -7.74
CA GLY A 127 21.64 -2.81 -9.08
C GLY A 127 21.23 -4.25 -9.26
N LEU A 128 20.51 -4.83 -8.28
CA LEU A 128 20.04 -6.20 -8.37
C LEU A 128 18.62 -6.24 -8.90
N SER A 129 18.32 -7.29 -9.65
CA SER A 129 17.03 -7.39 -10.32
C SER A 129 16.54 -8.82 -10.29
N HIS A 130 15.22 -8.97 -10.45
CA HIS A 130 14.55 -10.27 -10.47
C HIS A 130 14.91 -11.09 -9.24
N ILE A 131 14.73 -10.48 -8.08
CA ILE A 131 15.05 -11.05 -6.77
C ILE A 131 13.74 -11.41 -6.11
N TYR A 132 13.48 -12.70 -5.95
CA TYR A 132 12.16 -13.10 -5.45
C TYR A 132 12.17 -13.65 -4.01
N PRO A 133 13.08 -14.56 -3.64
CA PRO A 133 12.96 -15.25 -2.33
C PRO A 133 12.82 -14.31 -1.16
N PRO A 134 13.60 -13.22 -1.05
CA PRO A 134 13.43 -12.35 0.12
C PRO A 134 12.09 -11.64 0.18
N PHE A 135 11.34 -11.63 -0.92
CA PHE A 135 10.12 -10.82 -1.03
C PHE A 135 8.87 -11.66 -1.20
N LEU A 136 8.97 -12.96 -0.93
CA LEU A 136 7.79 -13.81 -0.83
C LEU A 136 6.78 -13.20 0.11
N CYS A 137 5.58 -12.93 -0.38
CA CYS A 137 4.59 -12.18 0.38
C CYS A 137 3.28 -12.96 0.44
N SER A 138 2.35 -12.41 1.21
CA SER A 138 0.97 -12.90 1.25
C SER A 138 0.06 -11.88 0.59
N GLU A 139 -0.87 -12.37 -0.23
CA GLU A 139 -1.96 -11.52 -0.69
C GLU A 139 -2.85 -11.19 0.49
N ILE A 140 -3.36 -9.96 0.53
CA ILE A 140 -4.30 -9.62 1.60
C ILE A 140 -5.72 -10.04 1.29
N ARG A 141 -6.05 -10.31 0.03
CA ARG A 141 -7.39 -10.79 -0.28
C ARG A 141 -7.63 -12.10 0.47
N ASP A 142 -8.84 -12.23 1.03
CA ASP A 142 -9.33 -13.39 1.76
C ASP A 142 -8.69 -13.55 3.14
N LYS A 143 -7.82 -12.64 3.55
CA LYS A 143 -7.27 -12.71 4.90
C LYS A 143 -8.21 -12.04 5.88
N THR A 144 -7.96 -12.29 7.16
CA THR A 144 -8.78 -11.71 8.22
C THR A 144 -8.06 -10.50 8.79
N ILE A 145 -8.73 -9.35 8.76
CA ILE A 145 -8.22 -8.15 9.40
C ILE A 145 -9.06 -7.88 10.64
N GLY A 146 -8.38 -7.63 11.76
CA GLY A 146 -9.04 -7.39 13.03
C GLY A 146 -8.85 -5.95 13.44
N LEU A 147 -9.95 -5.25 13.66
CA LEU A 147 -9.94 -3.82 13.94
C LEU A 147 -10.25 -3.61 15.41
N ILE A 148 -9.27 -3.13 16.17
CA ILE A 148 -9.47 -2.80 17.57
C ILE A 148 -9.94 -1.35 17.60
N GLY A 149 -11.26 -1.16 17.68
CA GLY A 149 -11.87 0.14 17.45
C GLY A 149 -12.51 0.17 16.10
N ILE A 150 -13.82 0.42 16.04
CA ILE A 150 -14.58 0.34 14.80
C ILE A 150 -15.51 1.55 14.75
N GLY A 151 -14.95 2.72 14.98
CA GLY A 151 -15.64 4.00 14.87
C GLY A 151 -15.44 4.62 13.51
N GLN A 152 -15.18 5.93 13.49
CA GLN A 152 -15.03 6.66 12.22
C GLN A 152 -13.94 6.03 11.36
N ILE A 153 -12.75 5.84 11.92
CA ILE A 153 -11.64 5.35 11.10
C ILE A 153 -11.73 3.84 10.92
N GLY A 154 -12.02 3.09 11.99
CA GLY A 154 -12.15 1.65 11.85
C GLY A 154 -13.16 1.25 10.80
N GLN A 155 -14.29 1.95 10.76
CA GLN A 155 -15.31 1.61 9.75
C GLN A 155 -14.85 1.96 8.35
N THR A 156 -14.05 3.01 8.20
CA THR A 156 -13.51 3.33 6.88
C THR A 156 -12.53 2.26 6.42
N VAL A 157 -11.68 1.80 7.34
CA VAL A 157 -10.78 0.69 7.01
C VAL A 157 -11.58 -0.55 6.63
N ALA A 158 -12.66 -0.82 7.38
CA ALA A 158 -13.49 -1.99 7.06
C ALA A 158 -14.07 -1.88 5.65
N GLU A 159 -14.49 -0.68 5.23
CA GLU A 159 -15.06 -0.54 3.89
C GLU A 159 -14.03 -0.90 2.83
N ILE A 160 -12.81 -0.38 2.98
CA ILE A 160 -11.75 -0.71 2.03
C ILE A 160 -11.44 -2.21 2.09
N ALA A 161 -11.35 -2.77 3.30
CA ALA A 161 -11.06 -4.18 3.44
C ALA A 161 -12.14 -5.04 2.81
N ASN A 162 -13.42 -4.73 3.07
CA ASN A 162 -14.51 -5.61 2.65
C ASN A 162 -14.58 -5.68 1.14
N ALA A 163 -14.11 -4.65 0.45
CA ALA A 163 -14.09 -4.62 -0.99
C ALA A 163 -12.75 -5.02 -1.60
N PHE A 164 -11.69 -5.09 -0.78
CA PHE A 164 -10.55 -5.96 -1.07
C PHE A 164 -10.91 -7.43 -0.93
N GLN A 165 -12.14 -7.72 -0.48
N GLN A 165 -12.15 -7.74 -0.54
CA GLN A 165 -12.63 -9.07 -0.25
CA GLN A 165 -12.58 -9.11 -0.26
C GLN A 165 -11.85 -9.76 0.87
C GLN A 165 -11.72 -9.74 0.85
N MET A 166 -11.73 -9.06 2.00
CA MET A 166 -11.14 -9.57 3.23
C MET A 166 -12.26 -9.93 4.20
N LYS A 167 -11.93 -10.77 5.18
CA LYS A 167 -12.83 -11.02 6.30
C LYS A 167 -12.52 -9.99 7.38
N VAL A 168 -13.52 -9.23 7.79
CA VAL A 168 -13.32 -8.15 8.76
C VAL A 168 -13.93 -8.54 10.09
N ILE A 169 -13.10 -8.56 11.14
CA ILE A 169 -13.58 -8.72 12.50
C ILE A 169 -13.11 -7.50 13.29
N GLY A 170 -13.71 -7.32 14.46
CA GLY A 170 -13.39 -6.10 15.18
C GLY A 170 -14.05 -6.07 16.54
N LEU A 171 -13.76 -5.00 17.28
CA LEU A 171 -14.33 -4.86 18.60
C LEU A 171 -14.46 -3.38 18.94
N ASN A 172 -15.45 -3.10 19.78
CA ASN A 172 -15.63 -1.78 20.34
C ASN A 172 -15.91 -1.96 21.82
N LYS A 173 -16.26 -0.87 22.49
CA LYS A 173 -16.52 -0.87 23.93
C LYS A 173 -17.99 -1.03 24.26
N SER A 174 -18.87 -0.35 23.51
CA SER A 174 -20.30 -0.33 23.82
C SER A 174 -21.02 -1.59 23.37
N LYS A 175 -20.40 -2.39 22.50
CA LYS A 175 -21.01 -3.53 21.82
C LYS A 175 -22.15 -3.11 20.90
N ARG A 176 -22.22 -1.83 20.53
CA ARG A 176 -23.10 -1.45 19.44
C ARG A 176 -22.73 -2.25 18.20
N ASN A 177 -23.73 -2.69 17.45
CA ASN A 177 -23.52 -3.57 16.31
C ASN A 177 -23.15 -2.72 15.09
N VAL A 178 -21.92 -2.91 14.59
CA VAL A 178 -21.43 -2.17 13.44
C VAL A 178 -21.58 -3.06 12.21
N LYS A 179 -22.22 -2.51 11.18
CA LYS A 179 -22.53 -3.31 9.99
C LYS A 179 -21.25 -3.73 9.26
N GLY A 180 -21.24 -4.98 8.81
CA GLY A 180 -20.14 -5.50 8.02
C GLY A 180 -18.91 -5.92 8.80
N ILE A 181 -18.99 -5.94 10.13
CA ILE A 181 -17.85 -6.28 10.97
C ILE A 181 -18.30 -7.34 11.97
N GLN A 182 -17.72 -8.54 11.90
CA GLN A 182 -18.01 -9.58 12.88
C GLN A 182 -17.31 -9.23 14.17
N GLN A 183 -18.07 -8.99 15.23
CA GLN A 183 -17.47 -8.49 16.46
C GLN A 183 -17.13 -9.63 17.41
N VAL A 184 -15.93 -9.55 17.97
CA VAL A 184 -15.34 -10.60 18.81
C VAL A 184 -14.68 -9.93 20.00
N ASP A 185 -14.28 -10.74 20.99
CA ASP A 185 -13.46 -10.18 22.06
C ASP A 185 -11.99 -10.12 21.63
N ILE A 186 -11.16 -9.45 22.44
CA ILE A 186 -9.82 -9.11 21.99
C ILE A 186 -8.93 -10.36 21.90
N THR A 187 -9.18 -11.35 22.76
CA THR A 187 -8.41 -12.59 22.71
C THR A 187 -8.63 -13.29 21.38
N GLU A 188 -9.89 -13.47 20.98
CA GLU A 188 -10.17 -14.06 19.68
C GLU A 188 -9.61 -13.19 18.56
N LEU A 189 -9.73 -11.87 18.66
CA LEU A 189 -9.20 -11.02 17.61
C LEU A 189 -7.70 -11.25 17.44
N MET A 190 -6.95 -11.30 18.54
CA MET A 190 -5.51 -11.50 18.46
C MET A 190 -5.17 -12.87 17.90
N LYS A 191 -5.99 -13.89 18.22
CA LYS A 191 -5.69 -15.24 17.75
C LYS A 191 -6.00 -15.41 16.27
N LYS A 192 -7.07 -14.79 15.78
CA LYS A 192 -7.59 -15.12 14.46
C LYS A 192 -7.17 -14.16 13.36
N SER A 193 -6.67 -12.97 13.70
CA SER A 193 -6.40 -11.97 12.68
C SER A 193 -5.07 -12.24 11.99
N ASP A 194 -5.09 -12.11 10.66
CA ASP A 194 -3.84 -12.05 9.91
C ASP A 194 -3.24 -10.67 9.96
N ILE A 195 -4.10 -9.65 10.03
CA ILE A 195 -3.72 -8.26 10.11
C ILE A 195 -4.50 -7.64 11.27
N ILE A 196 -3.81 -6.91 12.13
CA ILE A 196 -4.45 -6.24 13.26
C ILE A 196 -4.18 -4.75 13.11
N SER A 197 -5.23 -3.94 13.24
CA SER A 197 -5.08 -2.49 13.13
C SER A 197 -5.83 -1.80 14.28
N LEU A 198 -5.15 -0.85 14.93
CA LEU A 198 -5.72 -0.14 16.08
CA LEU A 198 -5.73 -0.15 16.07
C LEU A 198 -6.41 1.14 15.62
N HIS A 199 -7.63 1.37 16.11
CA HIS A 199 -8.41 2.56 15.78
C HIS A 199 -9.22 2.98 17.00
N ILE A 200 -8.49 3.27 18.08
CA ILE A 200 -9.09 3.47 19.40
C ILE A 200 -8.42 4.66 20.08
N PRO A 201 -9.18 5.47 20.81
CA PRO A 201 -8.57 6.59 21.53
C PRO A 201 -7.71 6.10 22.67
N ARG A 202 -6.72 6.90 23.02
CA ARG A 202 -5.89 6.64 24.19
C ARG A 202 -6.50 7.28 25.43
N ASN A 203 -6.73 6.48 26.46
CA ASN A 203 -7.13 6.99 27.77
C ASN A 203 -6.66 5.99 28.81
N ALA A 204 -7.05 6.24 30.08
CA ALA A 204 -6.63 5.38 31.17
C ALA A 204 -7.07 3.93 30.95
N ASP A 205 -8.20 3.72 30.28
CA ASP A 205 -8.71 2.36 30.03
C ASP A 205 -7.96 1.65 28.92
N THR A 206 -7.51 2.37 27.90
CA THR A 206 -6.94 1.75 26.72
C THR A 206 -5.42 1.77 26.69
N GLU A 207 -4.77 2.46 27.64
CA GLU A 207 -3.32 2.41 27.69
C GLU A 207 -2.85 0.97 27.90
N ILE A 208 -1.90 0.54 27.07
CA ILE A 208 -1.34 -0.81 27.10
C ILE A 208 -2.46 -1.84 26.98
N ILE A 209 -3.42 -1.57 26.09
CA ILE A 209 -4.47 -2.56 25.87
C ILE A 209 -3.89 -3.81 25.19
N LEU A 210 -2.85 -3.64 24.37
CA LEU A 210 -2.15 -4.78 23.78
C LEU A 210 -1.03 -5.18 24.75
N THR A 211 -1.38 -6.05 25.68
CA THR A 211 -0.44 -6.54 26.68
C THR A 211 0.56 -7.51 26.06
N GLU A 212 1.62 -7.80 26.83
CA GLU A 212 2.54 -8.86 26.42
C GLU A 212 1.82 -10.17 26.17
N LYS A 213 0.87 -10.51 27.05
CA LYS A 213 0.11 -11.76 26.88
C LYS A 213 -0.67 -11.75 25.57
N LEU A 214 -1.41 -10.66 25.31
CA LEU A 214 -2.20 -10.61 24.08
C LEU A 214 -1.32 -10.64 22.85
N LEU A 215 -0.18 -9.93 22.89
CA LEU A 215 0.73 -9.95 21.75
C LEU A 215 1.27 -11.35 21.50
N SER A 216 1.42 -12.16 22.55
CA SER A 216 1.94 -13.51 22.36
C SER A 216 0.97 -14.43 21.64
N LEU A 217 -0.28 -14.01 21.46
CA LEU A 217 -1.28 -14.82 20.78
C LEU A 217 -1.27 -14.65 19.26
N MET A 218 -0.54 -13.65 18.75
CA MET A 218 -0.57 -13.33 17.33
C MET A 218 -0.14 -14.51 16.48
N LYS A 219 -0.66 -14.54 15.26
CA LYS A 219 -0.25 -15.54 14.28
C LYS A 219 1.22 -15.34 13.91
N PRO A 220 1.93 -16.42 13.58
CA PRO A 220 3.36 -16.29 13.29
C PRO A 220 3.67 -15.41 12.09
N ASP A 221 2.72 -15.19 11.19
CA ASP A 221 2.94 -14.28 10.06
C ASP A 221 2.01 -13.07 10.10
N ALA A 222 1.58 -12.68 11.31
CA ALA A 222 0.69 -11.54 11.47
C ALA A 222 1.40 -10.23 11.18
N VAL A 223 0.61 -9.23 10.75
CA VAL A 223 1.08 -7.86 10.59
C VAL A 223 0.25 -6.97 11.51
N LEU A 224 0.93 -6.16 12.30
CA LEU A 224 0.30 -5.24 13.24
C LEU A 224 0.46 -3.82 12.72
N ILE A 225 -0.64 -3.09 12.63
CA ILE A 225 -0.66 -1.70 12.17
C ILE A 225 -1.12 -0.82 13.32
N ASN A 226 -0.38 0.26 13.61
CA ASN A 226 -0.82 1.21 14.62
C ASN A 226 -0.75 2.63 14.06
N THR A 227 -1.91 3.17 13.70
CA THR A 227 -2.04 4.60 13.41
C THR A 227 -2.53 5.37 14.62
N CYS A 228 -2.56 4.76 15.80
CA CYS A 228 -2.95 5.43 17.02
C CYS A 228 -1.73 5.60 17.93
N ARG A 229 -1.96 5.96 19.18
N ARG A 229 -1.97 5.99 19.19
CA ARG A 229 -0.85 6.30 20.07
CA ARG A 229 -0.88 6.26 20.10
C ARG A 229 -0.03 5.06 20.43
C ARG A 229 -0.03 5.02 20.31
N GLY A 230 1.29 5.23 20.43
CA GLY A 230 2.18 4.12 20.75
C GLY A 230 1.89 3.52 22.11
N ASN A 231 1.40 4.34 23.04
CA ASN A 231 1.07 3.94 24.40
C ASN A 231 -0.04 2.91 24.50
N LEU A 232 -0.74 2.63 23.41
CA LEU A 232 -1.77 1.59 23.42
C LEU A 232 -1.17 0.21 23.52
N ILE A 233 0.13 0.07 23.23
CA ILE A 233 0.81 -1.22 23.15
C ILE A 233 1.87 -1.28 24.25
N ASP A 234 2.06 -2.46 24.82
CA ASP A 234 3.27 -2.72 25.58
C ASP A 234 4.43 -2.69 24.59
N GLU A 235 5.06 -1.53 24.44
CA GLU A 235 6.01 -1.33 23.35
C GLU A 235 7.26 -2.18 23.53
N GLN A 236 7.70 -2.38 24.78
CA GLN A 236 8.82 -3.27 25.03
C GLN A 236 8.50 -4.70 24.63
N ALA A 237 7.28 -5.16 24.93
CA ALA A 237 6.89 -6.50 24.51
C ALA A 237 6.80 -6.58 22.99
N LEU A 238 6.32 -5.52 22.34
CA LEU A 238 6.26 -5.52 20.88
C LEU A 238 7.65 -5.60 20.27
N TYR A 239 8.62 -4.88 20.86
CA TYR A 239 9.99 -4.97 20.38
C TYR A 239 10.48 -6.42 20.42
N SER A 240 10.26 -7.10 21.54
CA SER A 240 10.70 -8.49 21.67
C SER A 240 10.02 -9.39 20.65
N VAL A 241 8.72 -9.17 20.41
CA VAL A 241 8.00 -9.97 19.42
C VAL A 241 8.63 -9.79 18.04
N LEU A 242 8.89 -8.55 17.66
CA LEU A 242 9.48 -8.29 16.35
C LEU A 242 10.94 -8.73 16.28
N LYS A 243 11.73 -8.44 17.33
CA LYS A 243 13.13 -8.86 17.35
C LYS A 243 13.26 -10.36 17.18
N GLN A 244 12.35 -11.12 17.78
CA GLN A 244 12.38 -12.58 17.71
C GLN A 244 11.62 -13.12 16.51
N ASN A 245 11.19 -12.25 15.60
CA ASN A 245 10.48 -12.64 14.37
C ASN A 245 9.28 -13.53 14.68
N ARG A 246 8.57 -13.20 15.76
CA ARG A 246 7.39 -13.96 16.14
C ARG A 246 6.14 -13.53 15.37
N ILE A 247 6.19 -12.41 14.64
CA ILE A 247 5.20 -12.03 13.65
C ILE A 247 5.94 -11.57 12.40
N ARG A 248 5.18 -11.25 11.34
CA ARG A 248 5.82 -10.84 10.09
C ARG A 248 6.41 -9.44 10.18
N GLY A 249 5.65 -8.50 10.74
CA GLY A 249 6.17 -7.15 10.87
C GLY A 249 5.11 -6.21 11.43
N ALA A 250 5.50 -4.95 11.57
CA ALA A 250 4.60 -3.94 12.09
C ALA A 250 4.75 -2.64 11.31
N GLY A 251 3.65 -1.95 11.12
CA GLY A 251 3.65 -0.63 10.52
C GLY A 251 3.17 0.36 11.55
N LEU A 252 4.03 1.30 11.95
CA LEU A 252 3.74 2.12 13.12
C LEU A 252 3.86 3.61 12.78
N ASP A 253 2.76 4.33 12.95
CA ASP A 253 2.71 5.77 12.73
C ASP A 253 3.00 6.56 14.01
N ASP A 254 3.21 5.87 15.13
CA ASP A 254 3.60 6.51 16.38
C ASP A 254 4.42 5.51 17.19
N LEU A 255 5.35 6.04 17.98
CA LEU A 255 6.05 5.29 19.00
C LEU A 255 5.99 6.10 20.29
N THR A 256 6.16 5.42 21.43
CA THR A 256 6.11 6.17 22.69
C THR A 256 7.26 7.16 22.81
N TYR A 257 8.39 6.86 22.15
CA TYR A 257 9.51 7.78 22.00
C TYR A 257 10.32 7.31 20.81
N TYR A 258 11.17 8.19 20.28
CA TYR A 258 11.92 7.89 19.07
C TYR A 258 13.42 7.80 19.31
N LYS A 259 14.05 8.84 19.87
CA LYS A 259 15.50 8.79 20.04
C LYS A 259 15.92 7.57 20.85
N ASP A 260 16.81 6.76 20.28
CA ASP A 260 17.38 5.57 20.91
C ASP A 260 16.35 4.47 21.18
N ASN A 261 15.17 4.56 20.60
CA ASN A 261 14.18 3.50 20.75
C ASN A 261 14.66 2.28 19.97
N PRO A 262 14.82 1.12 20.61
CA PRO A 262 15.35 -0.06 19.90
C PRO A 262 14.51 -0.48 18.70
N ILE A 263 13.22 -0.13 18.66
CA ILE A 263 12.41 -0.48 17.50
C ILE A 263 12.97 0.15 16.22
N ILE A 264 13.65 1.30 16.35
CA ILE A 264 14.28 1.94 15.19
C ILE A 264 15.34 1.05 14.54
N GLY A 265 15.85 0.06 15.26
CA GLY A 265 16.83 -0.87 14.75
C GLY A 265 16.28 -2.06 14.00
N LEU A 266 14.97 -2.24 13.98
CA LEU A 266 14.34 -3.44 13.42
C LEU A 266 14.17 -3.34 11.92
N ASN A 267 14.42 -4.45 11.23
CA ASN A 267 14.25 -4.55 9.78
C ASN A 267 12.90 -5.12 9.38
N ASN A 268 11.98 -5.28 10.32
CA ASN A 268 10.63 -5.74 10.00
C ASN A 268 9.58 -4.77 10.52
N VAL A 269 9.94 -3.50 10.64
CA VAL A 269 8.97 -2.45 10.90
C VAL A 269 9.06 -1.41 9.79
N VAL A 270 7.93 -0.78 9.52
CA VAL A 270 7.86 0.40 8.67
C VAL A 270 7.31 1.52 9.55
N LEU A 271 8.03 2.63 9.61
CA LEU A 271 7.69 3.73 10.50
C LEU A 271 7.31 4.95 9.69
N THR A 272 6.24 5.63 10.14
CA THR A 272 5.93 6.94 9.58
C THR A 272 5.79 7.95 10.72
N PRO A 273 6.19 9.21 10.50
CA PRO A 273 6.28 10.18 11.61
C PRO A 273 4.96 10.89 11.91
N GLY A 274 3.94 10.10 12.24
CA GLY A 274 2.63 10.68 12.47
C GLY A 274 1.99 11.30 11.24
N SER A 275 2.40 10.88 10.04
CA SER A 275 1.95 11.51 8.79
C SER A 275 0.69 10.88 8.20
N ALA A 276 0.08 9.92 8.90
CA ALA A 276 -1.07 9.18 8.35
C ALA A 276 -2.19 10.11 7.91
N TRP A 277 -2.42 11.18 8.64
CA TRP A 277 -3.58 12.03 8.41
C TRP A 277 -3.39 13.05 7.31
N TYR A 278 -2.16 13.31 6.85
CA TYR A 278 -1.90 14.61 6.23
C TYR A 278 -2.09 14.54 4.72
N SER A 279 -3.36 14.48 4.31
CA SER A 279 -3.74 14.62 2.91
C SER A 279 -4.28 16.03 2.64
N TYR A 280 -4.23 16.42 1.36
CA TYR A 280 -4.87 17.68 0.96
C TYR A 280 -6.34 17.69 1.37
N GLU A 281 -7.04 16.56 1.17
CA GLU A 281 -8.45 16.52 1.51
C GLU A 281 -8.67 16.62 3.02
N ALA A 282 -7.83 15.93 3.80
CA ALA A 282 -8.02 15.93 5.26
C ALA A 282 -7.76 17.31 5.85
N ARG A 283 -6.67 17.97 5.45
CA ARG A 283 -6.38 19.25 6.09
C ARG A 283 -7.41 20.30 5.72
N GLU A 284 -8.01 20.21 4.53
CA GLU A 284 -9.11 21.12 4.21
C GLU A 284 -10.34 20.81 5.04
N LYS A 285 -10.71 19.53 5.13
CA LYS A 285 -11.83 19.14 5.98
C LYS A 285 -11.60 19.56 7.42
N ASN A 286 -10.34 19.51 7.88
CA ASN A 286 -10.02 19.93 9.24
C ASN A 286 -10.43 21.38 9.45
N MET A 287 -10.22 22.22 8.45
CA MET A 287 -10.63 23.63 8.52
C MET A 287 -12.14 23.76 8.52
N TYR A 288 -12.83 22.96 7.69
CA TYR A 288 -14.29 23.02 7.67
C TYR A 288 -14.86 22.64 9.03
N GLU A 289 -14.26 21.63 9.69
CA GLU A 289 -14.76 21.19 11.00
C GLU A 289 -14.48 22.24 12.06
N LEU A 290 -13.29 22.84 12.04
CA LEU A 290 -12.96 23.91 12.97
C LEU A 290 -13.98 25.05 12.85
N ILE A 291 -14.30 25.44 11.62
CA ILE A 291 -15.23 26.55 11.40
C ILE A 291 -16.64 26.14 11.80
N GLU A 292 -17.02 24.89 11.52
CA GLU A 292 -18.33 24.42 11.91
C GLU A 292 -18.47 24.41 13.43
N ASN A 293 -17.41 24.04 14.13
CA ASN A 293 -17.43 24.10 15.60
C ASN A 293 -17.70 25.52 16.08
N ILE A 294 -17.00 26.50 15.51
CA ILE A 294 -17.15 27.89 15.96
C ILE A 294 -18.55 28.40 15.65
N GLU A 295 -18.99 28.23 14.40
CA GLU A 295 -20.31 28.72 14.01
C GLU A 295 -21.40 28.09 14.86
N SER A 296 -21.34 26.77 15.05
CA SER A 296 -22.40 26.08 15.78
C SER A 296 -22.44 26.50 17.24
N TYR A 297 -21.26 26.75 17.82
CA TYR A 297 -21.22 27.21 19.20
C TYR A 297 -21.83 28.60 19.32
N LEU A 298 -21.51 29.49 18.38
CA LEU A 298 -22.08 30.83 18.42
C LEU A 298 -23.59 30.79 18.18
N ALA A 299 -24.07 29.80 17.45
CA ALA A 299 -25.50 29.59 17.23
C ALA A 299 -26.19 28.96 18.43
N GLN A 300 -25.46 28.67 19.51
CA GLN A 300 -25.99 27.99 20.70
C GLN A 300 -26.51 26.60 20.36
N LYS A 301 -25.92 25.97 19.35
CA LYS A 301 -26.23 24.58 19.01
C LYS A 301 -24.90 23.89 18.76
N PRO A 302 -24.08 23.72 19.80
CA PRO A 302 -22.72 23.22 19.60
C PRO A 302 -22.72 21.80 19.06
N VAL A 303 -21.68 21.47 18.30
CA VAL A 303 -21.53 20.15 17.72
C VAL A 303 -20.18 19.57 18.15
N ASN A 304 -20.05 18.25 17.96
CA ASN A 304 -18.80 17.53 18.24
C ASN A 304 -18.36 17.70 19.69
N VAL A 305 -19.32 17.82 20.61
CA VAL A 305 -19.01 18.07 22.02
C VAL A 305 -18.51 16.79 22.66
N ILE A 306 -17.38 16.90 23.37
CA ILE A 306 -16.81 15.77 24.09
C ILE A 306 -17.40 15.76 25.50
N LEU A 307 -17.97 14.63 25.89
CA LEU A 307 -18.61 14.54 27.21
C LEU A 307 -18.28 13.25 27.95
N MET B 1 7.58 -40.96 -21.97
CA MET B 1 7.29 -39.54 -21.73
C MET B 1 8.31 -38.95 -20.78
N LYS B 2 8.98 -37.89 -21.22
CA LYS B 2 10.00 -37.21 -20.43
C LYS B 2 9.65 -35.73 -20.35
N ILE B 3 9.65 -35.19 -19.13
CA ILE B 3 9.36 -33.78 -18.86
C ILE B 3 10.61 -33.18 -18.23
N THR B 4 11.04 -32.03 -18.73
CA THR B 4 12.24 -31.38 -18.21
C THR B 4 11.97 -29.92 -17.92
N TYR B 5 12.25 -29.50 -16.68
CA TYR B 5 12.31 -28.10 -16.31
C TYR B 5 13.75 -27.65 -16.56
N ILE B 6 13.95 -26.84 -17.61
CA ILE B 6 15.29 -26.71 -18.19
C ILE B 6 16.16 -25.69 -17.48
N ASP B 7 15.60 -24.85 -16.61
CA ASP B 7 16.38 -23.90 -15.85
C ASP B 7 15.81 -23.83 -14.43
N LYS B 8 16.51 -23.10 -13.56
CA LYS B 8 16.26 -23.18 -12.12
C LYS B 8 14.86 -22.71 -11.76
N PRO B 9 14.01 -23.58 -11.19
CA PRO B 9 12.68 -23.14 -10.79
C PRO B 9 12.74 -22.26 -9.56
N THR B 10 11.98 -21.17 -9.58
CA THR B 10 11.80 -20.39 -8.36
C THR B 10 11.07 -21.20 -7.30
N TYR B 11 10.11 -22.03 -7.74
CA TYR B 11 9.25 -22.77 -6.83
C TYR B 11 8.91 -24.11 -7.47
N LEU B 12 9.25 -25.18 -6.77
CA LEU B 12 8.90 -26.54 -7.21
C LEU B 12 8.81 -27.41 -5.99
N PRO B 13 7.65 -27.40 -5.33
CA PRO B 13 7.51 -28.07 -4.03
C PRO B 13 7.28 -29.57 -4.17
N SER B 14 7.31 -30.24 -3.01
CA SER B 14 7.25 -31.70 -2.96
C SER B 14 6.04 -32.25 -3.71
N TRP B 15 4.86 -31.64 -3.53
CA TRP B 15 3.67 -32.26 -4.13
C TRP B 15 3.71 -32.17 -5.64
N VAL B 16 4.37 -31.16 -6.19
CA VAL B 16 4.48 -31.03 -7.65
C VAL B 16 5.51 -32.00 -8.20
N ILE B 17 6.66 -32.11 -7.54
CA ILE B 17 7.65 -33.11 -7.93
C ILE B 17 7.02 -34.48 -7.94
N ASN B 18 6.24 -34.80 -6.91
CA ASN B 18 5.62 -36.11 -6.84
C ASN B 18 4.54 -36.28 -7.92
N LYS B 19 3.76 -35.25 -8.19
CA LYS B 19 2.69 -35.38 -9.17
C LYS B 19 3.24 -35.53 -10.59
N ILE B 20 4.22 -34.69 -10.95
CA ILE B 20 4.75 -34.75 -12.31
C ILE B 20 5.45 -36.09 -12.55
N ASN B 21 6.07 -36.67 -11.51
CA ASN B 21 6.69 -37.98 -11.68
C ASN B 21 5.67 -39.07 -11.95
N GLU B 22 4.38 -38.81 -11.77
CA GLU B 22 3.36 -39.78 -12.16
C GLU B 22 3.23 -39.87 -13.67
N TYR B 23 3.56 -38.80 -14.39
CA TYR B 23 3.35 -38.78 -15.84
C TYR B 23 4.51 -39.41 -16.62
N GLY B 24 5.68 -39.54 -16.01
CA GLY B 24 6.83 -40.07 -16.72
C GLY B 24 8.11 -39.66 -16.02
N ASP B 25 9.18 -39.61 -16.80
CA ASP B 25 10.47 -39.17 -16.28
C ASP B 25 10.49 -37.65 -16.17
N PHE B 26 10.80 -37.14 -14.98
CA PHE B 26 10.86 -35.71 -14.72
C PHE B 26 12.29 -35.36 -14.35
N GLU B 27 12.90 -34.47 -15.12
CA GLU B 27 14.24 -33.96 -14.83
C GLU B 27 14.17 -32.45 -14.62
N VAL B 28 14.92 -31.96 -13.64
CA VAL B 28 14.97 -30.54 -13.32
C VAL B 28 16.42 -30.10 -13.27
N PHE B 29 16.70 -28.96 -13.88
CA PHE B 29 18.03 -28.36 -13.85
C PHE B 29 17.98 -27.15 -12.93
N TYR B 30 18.67 -27.24 -11.80
CA TYR B 30 18.73 -26.15 -10.84
C TYR B 30 19.89 -25.21 -11.14
N ASP B 31 19.91 -24.71 -12.38
CA ASP B 31 20.99 -23.87 -12.87
C ASP B 31 20.43 -22.95 -13.95
N PHE B 32 21.31 -22.25 -14.66
CA PHE B 32 20.89 -21.42 -15.78
C PHE B 32 21.65 -21.83 -17.03
N PRO B 33 21.01 -22.49 -18.00
CA PRO B 33 21.76 -23.00 -19.15
C PRO B 33 22.12 -21.91 -20.13
N ASN B 34 23.25 -22.10 -20.80
CA ASN B 34 23.59 -21.26 -21.94
C ASN B 34 22.78 -21.74 -23.15
N GLU B 35 22.98 -21.07 -24.29
CA GLU B 35 22.16 -21.37 -25.47
C GLU B 35 22.37 -22.81 -25.93
N GLU B 36 23.63 -23.26 -26.00
CA GLU B 36 23.89 -24.63 -26.45
C GLU B 36 23.31 -25.65 -25.49
N GLU B 37 23.44 -25.41 -24.18
CA GLU B 37 22.85 -26.34 -23.21
C GLU B 37 21.33 -26.35 -23.30
N ALA B 38 20.72 -25.18 -23.54
CA ALA B 38 19.27 -25.13 -23.66
C ALA B 38 18.79 -25.93 -24.86
N ILE B 39 19.44 -25.75 -26.01
CA ILE B 39 19.09 -26.54 -27.19
C ILE B 39 19.19 -28.03 -26.88
N ASN B 40 20.26 -28.45 -26.20
CA ASN B 40 20.43 -29.86 -25.89
C ASN B 40 19.36 -30.35 -24.94
N ARG B 41 19.04 -29.56 -23.90
CA ARG B 41 18.00 -29.97 -22.96
C ARG B 41 16.64 -30.04 -23.64
N LEU B 42 16.32 -29.03 -24.45
CA LEU B 42 15.04 -29.01 -25.14
C LEU B 42 14.92 -30.18 -26.11
N SER B 43 16.03 -30.55 -26.77
CA SER B 43 16.02 -31.64 -27.72
C SER B 43 16.08 -33.01 -27.05
N SER B 44 16.31 -33.06 -25.74
CA SER B 44 16.40 -34.31 -25.01
C SER B 44 15.15 -34.61 -24.19
N THR B 45 14.01 -34.04 -24.57
CA THR B 45 12.81 -34.16 -23.76
C THR B 45 11.59 -34.06 -24.66
N ASP B 46 10.46 -34.55 -24.15
CA ASP B 46 9.19 -34.48 -24.86
C ASP B 46 8.42 -33.22 -24.50
N ILE B 47 8.29 -32.95 -23.21
CA ILE B 47 7.73 -31.70 -22.69
C ILE B 47 8.86 -30.93 -22.01
N ALA B 48 8.91 -29.62 -22.25
CA ALA B 48 9.88 -28.75 -21.59
C ALA B 48 9.14 -27.67 -20.83
N ILE B 49 9.67 -27.32 -19.66
CA ILE B 49 9.21 -26.18 -18.87
C ILE B 49 10.37 -25.19 -18.80
N VAL B 50 10.08 -23.91 -19.00
CA VAL B 50 11.12 -22.89 -19.03
C VAL B 50 10.69 -21.71 -18.16
N GLU B 51 11.67 -21.11 -17.47
CA GLU B 51 11.41 -19.94 -16.62
C GLU B 51 12.25 -18.73 -16.99
N TRP B 52 13.51 -18.93 -17.34
CA TRP B 52 14.46 -17.83 -17.49
C TRP B 52 15.04 -17.70 -18.88
N THR B 53 15.09 -18.79 -19.65
CA THR B 53 15.98 -18.89 -20.78
C THR B 53 15.30 -18.41 -22.05
N SER B 54 15.95 -17.51 -22.76
CA SER B 54 15.48 -17.09 -24.07
C SER B 54 15.51 -18.28 -25.03
N ILE B 55 14.45 -18.42 -25.81
CA ILE B 55 14.37 -19.47 -26.82
C ILE B 55 14.07 -18.78 -28.14
N THR B 56 15.10 -18.61 -28.96
CA THR B 56 15.05 -17.85 -30.19
C THR B 56 14.75 -18.75 -31.39
N LYS B 57 14.37 -18.10 -32.49
CA LYS B 57 14.13 -18.83 -33.73
C LYS B 57 15.36 -19.62 -34.17
N GLU B 58 16.55 -19.07 -33.92
CA GLU B 58 17.78 -19.78 -34.26
C GLU B 58 17.93 -21.06 -33.45
N MET B 59 17.55 -21.01 -32.17
CA MET B 59 17.58 -22.22 -31.36
C MET B 59 16.50 -23.20 -31.78
N ILE B 60 15.29 -22.71 -32.03
CA ILE B 60 14.15 -23.57 -32.32
C ILE B 60 14.41 -24.41 -33.56
N GLU B 61 15.03 -23.81 -34.59
CA GLU B 61 15.30 -24.54 -35.82
C GLU B 61 16.32 -25.66 -35.62
N LYS B 62 17.04 -25.67 -34.50
CA LYS B 62 17.99 -26.73 -34.18
C LYS B 62 17.42 -27.79 -33.25
N ILE B 63 16.19 -27.61 -32.77
CA ILE B 63 15.60 -28.50 -31.79
C ILE B 63 14.98 -29.71 -32.48
N SER B 64 15.08 -30.87 -31.85
CA SER B 64 14.37 -32.07 -32.26
C SER B 64 13.63 -32.64 -31.06
N ARG B 65 12.79 -33.64 -31.32
CA ARG B 65 12.05 -34.40 -30.32
C ARG B 65 10.96 -33.60 -29.61
N LEU B 66 11.32 -32.44 -29.07
CA LEU B 66 10.40 -31.61 -28.29
C LEU B 66 9.06 -31.42 -28.99
N LYS B 67 7.97 -31.64 -28.25
CA LYS B 67 6.62 -31.43 -28.77
C LYS B 67 5.83 -30.35 -28.06
N TYR B 68 6.20 -29.99 -26.83
CA TYR B 68 5.37 -29.10 -26.03
C TYR B 68 6.28 -28.31 -25.11
N LEU B 69 6.16 -26.99 -25.16
CA LEU B 69 6.92 -26.09 -24.30
C LEU B 69 5.94 -25.34 -23.40
N ILE B 70 6.20 -25.35 -22.10
CA ILE B 70 5.41 -24.57 -21.15
C ILE B 70 6.31 -23.50 -20.56
N THR B 71 5.92 -22.24 -20.69
CA THR B 71 6.56 -21.23 -19.87
CA THR B 71 6.54 -21.19 -19.88
C THR B 71 5.84 -21.16 -18.53
N ILE B 72 6.61 -21.14 -17.45
CA ILE B 72 6.04 -21.03 -16.12
C ILE B 72 5.51 -19.64 -15.87
N THR B 73 5.88 -18.69 -16.72
CA THR B 73 5.49 -17.30 -16.63
C THR B 73 4.21 -17.05 -17.43
N THR B 74 3.55 -15.94 -17.09
CA THR B 74 2.49 -15.41 -17.94
C THR B 74 3.06 -14.75 -19.19
N SER B 75 4.15 -14.00 -19.03
CA SER B 75 4.80 -13.42 -20.20
C SER B 75 5.45 -14.50 -21.06
N TYR B 76 5.52 -14.22 -22.35
CA TYR B 76 6.26 -15.11 -23.24
C TYR B 76 7.06 -14.30 -24.24
N ASP B 77 7.45 -13.08 -23.86
CA ASP B 77 8.15 -12.21 -24.80
C ASP B 77 9.59 -12.62 -25.03
N TYR B 78 10.10 -13.63 -24.32
CA TYR B 78 11.42 -14.16 -24.54
C TYR B 78 11.43 -15.46 -25.32
N ILE B 79 10.25 -15.93 -25.74
CA ILE B 79 10.09 -17.15 -26.53
C ILE B 79 9.58 -16.76 -27.89
N ASP B 80 10.19 -17.30 -28.96
CA ASP B 80 9.70 -16.99 -30.30
C ASP B 80 8.56 -17.98 -30.59
N VAL B 81 7.34 -17.58 -30.23
CA VAL B 81 6.21 -18.50 -30.36
C VAL B 81 5.89 -18.75 -31.83
N ASN B 82 6.17 -17.77 -32.70
CA ASN B 82 5.95 -17.97 -34.13
C ASN B 82 6.83 -19.08 -34.68
N SER B 83 8.12 -19.06 -34.32
CA SER B 83 9.02 -20.11 -34.79
C SER B 83 8.63 -21.46 -34.22
N LEU B 84 8.20 -21.50 -32.96
CA LEU B 84 7.68 -22.73 -32.36
C LEU B 84 6.53 -23.31 -33.18
N LYS B 85 5.55 -22.47 -33.51
CA LYS B 85 4.43 -22.92 -34.32
C LYS B 85 4.88 -23.41 -35.69
N ASP B 86 5.84 -22.71 -36.31
CA ASP B 86 6.31 -23.14 -37.62
C ASP B 86 7.04 -24.47 -37.54
N ASN B 87 7.62 -24.82 -36.39
CA ASN B 87 8.29 -26.09 -36.21
C ASN B 87 7.42 -27.10 -35.48
N GLU B 88 6.10 -26.88 -35.47
CA GLU B 88 5.13 -27.82 -34.92
C GLU B 88 5.46 -28.19 -33.46
N ILE B 89 5.82 -27.17 -32.67
CA ILE B 89 6.00 -27.31 -31.24
C ILE B 89 4.89 -26.51 -30.57
N MET B 90 4.07 -27.18 -29.76
CA MET B 90 2.99 -26.55 -29.02
C MET B 90 3.55 -25.75 -27.84
N VAL B 91 2.90 -24.63 -27.52
CA VAL B 91 3.40 -23.79 -26.41
C VAL B 91 2.23 -23.26 -25.59
N SER B 92 2.36 -23.36 -24.27
CA SER B 92 1.40 -22.82 -23.32
C SER B 92 2.13 -21.94 -22.33
N ASN B 93 1.39 -20.99 -21.77
CA ASN B 93 1.89 -20.22 -20.62
C ASN B 93 1.07 -20.58 -19.38
N CYS B 94 1.40 -19.92 -18.27
CA CYS B 94 0.60 -20.01 -17.06
C CYS B 94 -0.08 -18.66 -16.88
N PRO B 95 -1.37 -18.53 -17.23
CA PRO B 95 -1.90 -17.22 -17.58
C PRO B 95 -2.53 -16.40 -16.46
N GLN B 96 -2.91 -17.00 -15.33
CA GLN B 96 -3.61 -16.21 -14.31
C GLN B 96 -3.03 -16.27 -12.91
N TYR B 97 -1.94 -17.02 -12.68
CA TYR B 97 -1.52 -17.31 -11.31
C TYR B 97 -1.21 -16.05 -10.51
N SER B 98 -0.69 -15.01 -11.15
CA SER B 98 -0.19 -13.86 -10.38
C SER B 98 -1.15 -12.68 -10.33
N LYS B 99 -2.37 -12.79 -10.86
CA LYS B 99 -3.10 -11.55 -11.11
C LYS B 99 -3.50 -10.84 -9.81
N GLN B 100 -3.85 -11.58 -8.75
CA GLN B 100 -4.12 -10.91 -7.47
C GLN B 100 -2.85 -10.33 -6.88
N ALA B 101 -1.74 -11.08 -6.93
CA ALA B 101 -0.50 -10.59 -6.33
C ALA B 101 -0.05 -9.29 -6.99
N VAL B 102 -0.07 -9.26 -8.32
CA VAL B 102 0.37 -8.07 -9.05
C VAL B 102 -0.59 -6.93 -8.84
N ALA B 103 -1.91 -7.20 -8.84
CA ALA B 103 -2.86 -6.12 -8.61
C ALA B 103 -2.63 -5.48 -7.24
N GLU B 104 -2.38 -6.29 -6.22
CA GLU B 104 -2.08 -5.70 -4.92
C GLU B 104 -0.76 -4.95 -4.93
N HIS B 105 0.22 -5.42 -5.70
CA HIS B 105 1.49 -4.71 -5.80
C HIS B 105 1.33 -3.33 -6.41
N VAL B 106 0.36 -3.17 -7.31
CA VAL B 106 0.10 -1.85 -7.88
C VAL B 106 -0.23 -0.87 -6.77
N PHE B 107 -1.09 -1.30 -5.85
CA PHE B 107 -1.46 -0.42 -4.74
C PHE B 107 -0.34 -0.30 -3.71
N ALA B 108 0.46 -1.36 -3.53
CA ALA B 108 1.63 -1.22 -2.65
C ALA B 108 2.56 -0.12 -3.15
N LEU B 109 2.81 -0.13 -4.46
CA LEU B 109 3.68 0.88 -5.08
C LEU B 109 3.01 2.25 -5.05
N LEU B 110 1.73 2.32 -5.42
CA LEU B 110 1.00 3.58 -5.41
C LEU B 110 1.08 4.22 -4.04
N PHE B 111 0.79 3.46 -2.99
CA PHE B 111 0.82 4.05 -1.65
C PHE B 111 2.24 4.39 -1.23
N ALA B 112 3.22 3.56 -1.62
CA ALA B 112 4.60 3.87 -1.26
C ALA B 112 5.05 5.19 -1.86
N VAL B 113 4.67 5.45 -3.12
CA VAL B 113 4.98 6.74 -3.74
C VAL B 113 4.19 7.86 -3.08
N ASN B 114 2.87 7.66 -2.96
CA ASN B 114 1.98 8.74 -2.49
CA ASN B 114 1.98 8.73 -2.49
C ASN B 114 2.32 9.15 -1.06
N ARG B 115 2.62 8.19 -0.19
CA ARG B 115 2.94 8.51 1.21
C ARG B 115 4.43 8.72 1.44
N LYS B 116 5.25 8.66 0.39
CA LYS B 116 6.70 8.81 0.49
C LYS B 116 7.26 7.93 1.62
N ILE B 117 6.85 6.66 1.59
CA ILE B 117 7.20 5.71 2.65
C ILE B 117 8.70 5.63 2.88
N LEU B 118 9.50 5.66 1.80
CA LEU B 118 10.94 5.57 1.95
C LEU B 118 11.48 6.72 2.79
N GLN B 119 11.08 7.95 2.46
CA GLN B 119 11.55 9.12 3.21
C GLN B 119 10.89 9.20 4.58
N ALA B 120 9.64 8.76 4.70
CA ALA B 120 8.97 8.82 6.00
C ALA B 120 9.62 7.90 6.99
N ASP B 121 9.96 6.69 6.55
CA ASP B 121 10.64 5.76 7.43
C ASP B 121 12.02 6.29 7.82
N GLU B 122 12.75 6.84 6.86
CA GLU B 122 14.07 7.38 7.16
C GLU B 122 13.98 8.50 8.18
N THR B 123 12.93 9.34 8.10
CA THR B 123 12.73 10.42 9.06
C THR B 123 12.63 9.87 10.48
N CYS B 124 11.84 8.80 10.65
CA CYS B 124 11.69 8.19 11.96
C CYS B 124 12.98 7.55 12.45
N ARG B 125 13.74 6.92 11.55
CA ARG B 125 15.01 6.33 11.97
C ARG B 125 15.98 7.39 12.44
N LYS B 126 15.83 8.63 11.97
CA LYS B 126 16.61 9.73 12.48
C LYS B 126 16.08 10.29 13.79
N GLY B 127 15.01 9.69 14.33
CA GLY B 127 14.50 10.08 15.63
C GLY B 127 13.50 11.20 15.62
N LEU B 128 12.95 11.56 14.45
CA LEU B 128 12.05 12.70 14.32
C LEU B 128 10.59 12.22 14.31
N SER B 129 9.74 12.95 15.01
CA SER B 129 8.33 12.62 15.17
C SER B 129 7.47 13.78 14.69
N HIS B 130 6.23 13.46 14.34
CA HIS B 130 5.21 14.44 13.94
C HIS B 130 5.74 15.40 12.89
N ILE B 131 6.23 14.83 11.80
CA ILE B 131 6.74 15.54 10.65
C ILE B 131 5.69 15.43 9.56
N TYR B 132 4.99 16.52 9.29
CA TYR B 132 3.87 16.47 8.36
C TYR B 132 4.18 17.09 7.00
N PRO B 133 4.74 18.30 6.90
CA PRO B 133 4.81 18.99 5.60
C PRO B 133 5.44 18.17 4.48
N PRO B 134 6.57 17.48 4.71
CA PRO B 134 7.16 16.72 3.59
C PRO B 134 6.29 15.58 3.10
N PHE B 135 5.26 15.21 3.85
CA PHE B 135 4.48 14.01 3.55
C PHE B 135 3.03 14.33 3.21
N LEU B 136 2.73 15.60 2.96
CA LEU B 136 1.45 16.01 2.40
C LEU B 136 1.14 15.16 1.18
N CYS B 137 0.01 14.47 1.23
CA CYS B 137 -0.34 13.49 0.18
C CYS B 137 -1.75 13.73 -0.35
N SER B 138 -2.07 13.03 -1.42
CA SER B 138 -3.44 12.97 -1.92
C SER B 138 -4.06 11.64 -1.52
N GLU B 139 -5.33 11.69 -1.10
CA GLU B 139 -6.08 10.45 -0.99
C GLU B 139 -6.35 9.90 -2.38
N ILE B 140 -6.35 8.57 -2.50
CA ILE B 140 -6.60 7.98 -3.82
C ILE B 140 -8.10 7.83 -4.11
N ARG B 141 -8.94 7.83 -3.07
N ARG B 141 -8.94 7.83 -3.07
CA ARG B 141 -10.38 7.81 -3.30
CA ARG B 141 -10.39 7.84 -3.29
C ARG B 141 -10.79 8.99 -4.18
C ARG B 141 -10.78 9.00 -4.20
N ASP B 142 -11.68 8.71 -5.14
CA ASP B 142 -12.23 9.66 -6.11
C ASP B 142 -11.23 10.13 -7.15
N LYS B 143 -10.00 9.63 -7.12
CA LYS B 143 -9.04 9.94 -8.18
C LYS B 143 -9.32 9.05 -9.38
N THR B 144 -8.80 9.46 -10.53
CA THR B 144 -8.92 8.68 -11.75
C THR B 144 -7.69 7.84 -11.96
N ILE B 145 -7.88 6.53 -12.11
CA ILE B 145 -6.80 5.62 -12.46
C ILE B 145 -7.01 5.16 -13.89
N GLY B 146 -5.96 5.27 -14.71
CA GLY B 146 -6.02 4.84 -16.09
C GLY B 146 -5.20 3.58 -16.29
N LEU B 147 -5.84 2.54 -16.84
CA LEU B 147 -5.23 1.22 -16.98
C LEU B 147 -4.93 0.99 -18.45
N ILE B 148 -3.65 0.91 -18.78
CA ILE B 148 -3.20 0.60 -20.13
C ILE B 148 -3.10 -0.91 -20.19
N GLY B 149 -4.11 -1.55 -20.77
CA GLY B 149 -4.26 -2.98 -20.68
C GLY B 149 -5.27 -3.34 -19.61
N ILE B 150 -6.36 -3.99 -20.00
CA ILE B 150 -7.45 -4.27 -19.09
C ILE B 150 -7.87 -5.73 -19.28
N GLY B 151 -6.89 -6.62 -19.24
CA GLY B 151 -7.06 -8.06 -19.28
C GLY B 151 -7.13 -8.64 -17.88
N GLN B 152 -6.45 -9.78 -17.69
CA GLN B 152 -6.55 -10.48 -16.42
C GLN B 152 -6.09 -9.61 -15.26
N ILE B 153 -4.92 -8.99 -15.38
CA ILE B 153 -4.41 -8.20 -14.27
C ILE B 153 -5.08 -6.83 -14.22
N GLY B 154 -5.22 -6.18 -15.39
CA GLY B 154 -5.86 -4.87 -15.41
C GLY B 154 -7.25 -4.87 -14.80
N GLN B 155 -8.04 -5.92 -15.08
CA GLN B 155 -9.39 -5.99 -14.52
C GLN B 155 -9.36 -6.24 -13.02
N THR B 156 -8.34 -6.95 -12.54
CA THR B 156 -8.20 -7.13 -11.09
C THR B 156 -7.86 -5.81 -10.41
N VAL B 157 -6.96 -5.04 -11.00
CA VAL B 157 -6.65 -3.69 -10.50
C VAL B 157 -7.92 -2.85 -10.49
N ALA B 158 -8.73 -2.95 -11.56
CA ALA B 158 -9.97 -2.19 -11.64
C ALA B 158 -10.91 -2.54 -10.49
N GLU B 159 -10.98 -3.83 -10.14
CA GLU B 159 -11.83 -4.23 -9.02
C GLU B 159 -11.34 -3.62 -7.71
N ILE B 160 -10.03 -3.59 -7.50
CA ILE B 160 -9.53 -2.99 -6.27
C ILE B 160 -9.74 -1.48 -6.29
N ALA B 161 -9.60 -0.86 -7.46
CA ALA B 161 -9.82 0.59 -7.54
C ALA B 161 -11.25 0.95 -7.20
N ASN B 162 -12.21 0.11 -7.62
CA ASN B 162 -13.58 0.30 -7.16
C ASN B 162 -13.71 0.09 -5.66
N ALA B 163 -12.85 -0.76 -5.06
CA ALA B 163 -12.87 -0.91 -3.62
C ALA B 163 -12.57 0.41 -2.94
N PHE B 164 -11.58 1.12 -3.44
CA PHE B 164 -11.24 2.44 -2.92
C PHE B 164 -12.16 3.54 -3.43
N GLN B 165 -13.15 3.20 -4.25
CA GLN B 165 -14.10 4.16 -4.84
C GLN B 165 -13.36 5.19 -5.69
N MET B 166 -12.62 4.67 -6.66
CA MET B 166 -11.94 5.48 -7.66
C MET B 166 -12.70 5.45 -8.97
N LYS B 167 -12.36 6.40 -9.86
CA LYS B 167 -12.85 6.40 -11.22
C LYS B 167 -11.86 5.65 -12.10
N VAL B 168 -12.33 4.63 -12.83
CA VAL B 168 -11.46 3.75 -13.58
C VAL B 168 -11.68 3.99 -15.07
N ILE B 169 -10.60 4.32 -15.79
CA ILE B 169 -10.61 4.40 -17.24
C ILE B 169 -9.50 3.50 -17.77
N GLY B 170 -9.59 3.14 -19.04
CA GLY B 170 -8.59 2.21 -19.52
C GLY B 170 -8.72 1.97 -21.00
N LEU B 171 -7.80 1.15 -21.50
CA LEU B 171 -7.84 0.82 -22.91
C LEU B 171 -7.30 -0.58 -23.14
N ASN B 172 -7.76 -1.18 -24.22
CA ASN B 172 -7.25 -2.44 -24.73
C ASN B 172 -7.02 -2.28 -26.24
N LYS B 173 -6.60 -3.36 -26.89
CA LYS B 173 -6.31 -3.27 -28.32
C LYS B 173 -7.55 -3.56 -29.16
N SER B 174 -8.39 -4.49 -28.71
CA SER B 174 -9.54 -4.94 -29.50
C SER B 174 -10.70 -3.96 -29.47
N LYS B 175 -10.70 -3.02 -28.52
CA LYS B 175 -11.82 -2.13 -28.22
C LYS B 175 -13.08 -2.90 -27.80
N ARG B 176 -12.95 -4.17 -27.44
CA ARG B 176 -14.05 -4.87 -26.80
C ARG B 176 -14.36 -4.20 -25.47
N ASN B 177 -15.64 -4.13 -25.13
CA ASN B 177 -16.05 -3.44 -23.91
C ASN B 177 -15.74 -4.30 -22.68
N VAL B 178 -15.29 -3.63 -21.61
CA VAL B 178 -15.08 -4.24 -20.31
C VAL B 178 -15.93 -3.49 -19.30
N LYS B 179 -16.80 -4.21 -18.59
CA LYS B 179 -17.70 -3.58 -17.63
C LYS B 179 -16.91 -2.89 -16.52
N GLY B 180 -17.46 -1.77 -16.04
CA GLY B 180 -16.86 -1.01 -14.95
C GLY B 180 -15.62 -0.22 -15.31
N ILE B 181 -15.20 -0.23 -16.57
CA ILE B 181 -14.03 0.52 -17.02
C ILE B 181 -14.46 1.37 -18.21
N GLN B 182 -14.30 2.69 -18.07
CA GLN B 182 -14.64 3.59 -19.17
C GLN B 182 -13.48 3.62 -20.14
N GLN B 183 -13.71 3.20 -21.38
CA GLN B 183 -12.61 3.04 -22.31
C GLN B 183 -12.35 4.34 -23.07
N VAL B 184 -11.07 4.68 -23.21
CA VAL B 184 -10.61 5.92 -23.80
C VAL B 184 -9.39 5.59 -24.66
N ASP B 185 -9.01 6.54 -25.52
CA ASP B 185 -7.75 6.33 -26.23
C ASP B 185 -6.58 6.74 -25.33
N ILE B 186 -5.37 6.47 -25.80
CA ILE B 186 -4.22 6.61 -24.90
C ILE B 186 -3.93 8.08 -24.61
N THR B 187 -4.20 8.97 -25.56
CA THR B 187 -3.98 10.39 -25.34
C THR B 187 -4.86 10.90 -24.21
N GLU B 188 -6.16 10.56 -24.26
CA GLU B 188 -7.05 10.95 -23.18
C GLU B 188 -6.64 10.32 -21.86
N LEU B 189 -6.19 9.05 -21.90
CA LEU B 189 -5.78 8.39 -20.66
C LEU B 189 -4.62 9.13 -20.00
N MET B 190 -3.58 9.46 -20.78
CA MET B 190 -2.44 10.18 -20.24
C MET B 190 -2.82 11.56 -19.73
N LYS B 191 -3.80 12.23 -20.35
CA LYS B 191 -4.18 13.57 -19.94
C LYS B 191 -5.04 13.58 -18.67
N LYS B 192 -5.93 12.61 -18.52
CA LYS B 192 -6.98 12.66 -17.51
C LYS B 192 -6.70 11.81 -16.28
N SER B 193 -5.71 10.93 -16.32
CA SER B 193 -5.45 10.01 -15.21
C SER B 193 -4.64 10.71 -14.13
N ASP B 194 -5.07 10.53 -12.88
CA ASP B 194 -4.20 10.89 -11.76
C ASP B 194 -3.18 9.80 -11.47
N ILE B 195 -3.53 8.55 -11.75
CA ILE B 195 -2.65 7.40 -11.58
C ILE B 195 -2.71 6.61 -12.86
N ILE B 196 -1.54 6.24 -13.40
CA ILE B 196 -1.46 5.43 -14.61
C ILE B 196 -0.78 4.12 -14.28
N SER B 197 -1.34 3.00 -14.76
CA SER B 197 -0.76 1.70 -14.48
C SER B 197 -0.78 0.84 -15.73
N LEU B 198 0.37 0.22 -16.04
CA LEU B 198 0.48 -0.62 -17.24
C LEU B 198 0.18 -2.09 -16.95
N HIS B 199 -0.61 -2.71 -17.81
CA HIS B 199 -0.97 -4.12 -17.68
C HIS B 199 -1.10 -4.71 -19.08
N ILE B 200 0.00 -4.64 -19.81
CA ILE B 200 0.01 -4.97 -21.23
C ILE B 200 1.23 -5.86 -21.51
N PRO B 201 1.12 -6.87 -22.37
CA PRO B 201 2.31 -7.67 -22.70
C PRO B 201 3.30 -6.85 -23.51
N ARG B 202 4.56 -7.25 -23.43
CA ARG B 202 5.60 -6.66 -24.25
C ARG B 202 5.68 -7.40 -25.58
N ASN B 203 5.54 -6.66 -26.69
CA ASN B 203 5.63 -7.27 -28.01
C ASN B 203 5.98 -6.16 -29.00
N ALA B 204 6.00 -6.52 -30.28
CA ALA B 204 6.47 -5.57 -31.29
C ALA B 204 5.59 -4.32 -31.35
N ASP B 205 4.33 -4.43 -30.96
CA ASP B 205 3.39 -3.31 -31.00
C ASP B 205 3.45 -2.45 -29.76
N THR B 206 3.78 -3.03 -28.60
CA THR B 206 3.65 -2.32 -27.34
C THR B 206 4.96 -1.75 -26.83
N GLU B 207 6.10 -2.15 -27.39
CA GLU B 207 7.35 -1.57 -26.95
C GLU B 207 7.33 -0.05 -27.13
N ILE B 208 7.76 0.67 -26.10
CA ILE B 208 7.77 2.12 -26.08
C ILE B 208 6.39 2.66 -26.44
N ILE B 209 5.32 2.00 -25.97
CA ILE B 209 4.00 2.57 -26.17
C ILE B 209 3.89 3.91 -25.44
N LEU B 210 4.56 4.06 -24.29
CA LEU B 210 4.60 5.35 -23.60
C LEU B 210 5.76 6.16 -24.18
N THR B 211 5.44 6.96 -25.21
CA THR B 211 6.41 7.80 -25.88
C THR B 211 6.76 9.04 -25.04
N GLU B 212 7.83 9.72 -25.46
CA GLU B 212 8.16 11.02 -24.88
C GLU B 212 6.97 11.96 -24.95
N LYS B 213 6.27 11.96 -26.09
CA LYS B 213 5.12 12.84 -26.29
C LYS B 213 3.99 12.49 -25.34
N LEU B 214 3.66 11.19 -25.24
CA LEU B 214 2.58 10.78 -24.35
C LEU B 214 2.94 11.06 -22.89
N LEU B 215 4.20 10.83 -22.51
CA LEU B 215 4.63 11.13 -21.15
C LEU B 215 4.52 12.62 -20.84
N SER B 216 4.67 13.47 -21.86
CA SER B 216 4.59 14.90 -21.62
C SER B 216 3.18 15.38 -21.32
N LEU B 217 2.16 14.56 -21.58
CA LEU B 217 0.77 14.94 -21.36
C LEU B 217 0.31 14.76 -19.91
N MET B 218 1.15 14.16 -19.06
CA MET B 218 0.72 13.70 -17.75
C MET B 218 0.42 14.88 -16.83
N LYS B 219 -0.51 14.66 -15.90
CA LYS B 219 -0.85 15.69 -14.93
C LYS B 219 0.36 15.97 -14.05
N PRO B 220 0.47 17.19 -13.51
CA PRO B 220 1.67 17.57 -12.73
C PRO B 220 1.87 16.76 -11.46
N ASP B 221 0.81 16.17 -10.91
CA ASP B 221 0.90 15.35 -9.70
C ASP B 221 0.63 13.88 -9.98
N ALA B 222 0.80 13.45 -11.22
CA ALA B 222 0.48 12.08 -11.60
C ALA B 222 1.46 11.09 -10.98
N VAL B 223 0.98 9.86 -10.80
CA VAL B 223 1.81 8.76 -10.35
C VAL B 223 1.73 7.68 -11.43
N LEU B 224 2.88 7.25 -11.93
CA LEU B 224 2.95 6.21 -12.94
C LEU B 224 3.39 4.90 -12.29
N ILE B 225 2.67 3.80 -12.57
CA ILE B 225 3.00 2.48 -12.02
C ILE B 225 3.29 1.55 -13.17
N ASN B 226 4.41 0.82 -13.09
CA ASN B 226 4.72 -0.18 -14.10
C ASN B 226 5.11 -1.50 -13.44
N THR B 227 4.17 -2.46 -13.45
CA THR B 227 4.47 -3.84 -13.10
C THR B 227 4.74 -4.69 -14.35
N CYS B 228 4.87 -4.06 -15.50
CA CYS B 228 5.18 -4.75 -16.74
C CYS B 228 6.62 -4.45 -17.12
N ARG B 229 7.00 -4.82 -18.34
CA ARG B 229 8.37 -4.67 -18.78
C ARG B 229 8.75 -3.19 -18.87
N GLY B 230 9.99 -2.88 -18.49
CA GLY B 230 10.46 -1.51 -18.59
C GLY B 230 10.46 -0.98 -20.01
N ASN B 231 10.64 -1.88 -20.99
CA ASN B 231 10.70 -1.54 -22.41
C ASN B 231 9.40 -1.01 -22.97
N LEU B 232 8.29 -1.08 -22.22
CA LEU B 232 7.05 -0.44 -22.64
C LEU B 232 7.13 1.08 -22.60
N ILE B 233 8.16 1.64 -21.97
CA ILE B 233 8.27 3.08 -21.75
C ILE B 233 9.55 3.57 -22.41
N ASP B 234 9.49 4.78 -22.99
CA ASP B 234 10.71 5.52 -23.31
C ASP B 234 11.36 5.87 -21.98
N GLU B 235 12.30 5.03 -21.55
CA GLU B 235 12.80 5.12 -20.18
C GLU B 235 13.67 6.36 -19.98
N GLN B 236 14.46 6.73 -20.98
CA GLN B 236 15.20 7.99 -20.90
C GLN B 236 14.26 9.17 -20.75
N ALA B 237 13.15 9.16 -21.49
CA ALA B 237 12.18 10.24 -21.37
C ALA B 237 11.52 10.21 -19.99
N LEU B 238 11.27 9.02 -19.45
CA LEU B 238 10.70 8.91 -18.11
C LEU B 238 11.66 9.47 -17.07
N TYR B 239 12.95 9.14 -17.17
CA TYR B 239 13.94 9.72 -16.28
C TYR B 239 13.87 11.24 -16.30
N SER B 240 13.76 11.82 -17.50
CA SER B 240 13.72 13.27 -17.63
C SER B 240 12.47 13.86 -16.95
N VAL B 241 11.33 13.19 -17.08
CA VAL B 241 10.10 13.64 -16.44
C VAL B 241 10.27 13.64 -14.92
N LEU B 242 10.86 12.57 -14.39
CA LEU B 242 11.00 12.45 -12.94
C LEU B 242 12.09 13.37 -12.41
N LYS B 243 13.22 13.44 -13.12
CA LYS B 243 14.31 14.29 -12.66
C LYS B 243 13.87 15.75 -12.59
N GLN B 244 13.04 16.19 -13.53
CA GLN B 244 12.52 17.55 -13.54
C GLN B 244 11.24 17.72 -12.73
N ASN B 245 10.86 16.69 -11.97
CA ASN B 245 9.68 16.69 -11.11
C ASN B 245 8.42 17.11 -11.86
N ARG B 246 8.24 16.58 -13.07
CA ARG B 246 7.08 16.95 -13.87
C ARG B 246 5.85 16.12 -13.52
N ILE B 247 6.01 15.06 -12.74
CA ILE B 247 4.93 14.30 -12.14
C ILE B 247 5.30 14.04 -10.69
N ARG B 248 4.37 13.42 -9.94
CA ARG B 248 4.63 13.18 -8.52
C ARG B 248 5.69 12.10 -8.33
N GLY B 249 5.61 11.01 -9.09
CA GLY B 249 6.54 9.93 -8.89
C GLY B 249 6.11 8.71 -9.66
N ALA B 250 6.90 7.65 -9.50
CA ALA B 250 6.63 6.41 -10.21
C ALA B 250 7.01 5.21 -9.35
N GLY B 251 6.23 4.13 -9.50
CA GLY B 251 6.53 2.88 -8.84
C GLY B 251 6.80 1.87 -9.93
N LEU B 252 8.03 1.34 -9.98
CA LEU B 252 8.49 0.55 -11.11
C LEU B 252 9.01 -0.79 -10.63
N ASP B 253 8.39 -1.88 -11.10
CA ASP B 253 8.79 -3.23 -10.78
C ASP B 253 9.76 -3.80 -11.81
N ASP B 254 10.11 -3.02 -12.82
CA ASP B 254 11.11 -3.40 -13.81
C ASP B 254 11.74 -2.14 -14.40
N LEU B 255 13.02 -2.26 -14.76
CA LEU B 255 13.74 -1.25 -15.52
C LEU B 255 14.39 -1.95 -16.71
N THR B 256 14.62 -1.20 -17.79
CA THR B 256 15.26 -1.81 -18.95
C THR B 256 16.64 -2.33 -18.60
N TYR B 257 17.32 -1.68 -17.66
CA TYR B 257 18.58 -2.15 -17.11
C TYR B 257 18.73 -1.50 -15.74
N TYR B 258 19.63 -2.07 -14.93
CA TYR B 258 19.76 -1.61 -13.55
C TYR B 258 21.11 -0.99 -13.24
N LYS B 259 22.20 -1.62 -13.65
CA LYS B 259 23.54 -1.11 -13.35
C LYS B 259 23.71 0.28 -13.93
N ASP B 260 23.95 1.26 -13.06
CA ASP B 260 24.25 2.63 -13.45
C ASP B 260 23.09 3.29 -14.19
N ASN B 261 21.87 2.83 -13.95
CA ASN B 261 20.70 3.48 -14.52
C ASN B 261 20.41 4.75 -13.73
N PRO B 262 20.35 5.93 -14.36
CA PRO B 262 20.13 7.17 -13.60
C PRO B 262 18.83 7.19 -12.81
N ILE B 263 17.87 6.32 -13.14
CA ILE B 263 16.63 6.28 -12.39
C ILE B 263 16.88 5.88 -10.94
N ILE B 264 17.89 5.05 -10.70
CA ILE B 264 18.26 4.62 -9.34
C ILE B 264 18.63 5.82 -8.47
N GLY B 265 19.06 6.93 -9.06
CA GLY B 265 19.38 8.10 -8.28
C GLY B 265 18.21 9.00 -7.93
N LEU B 266 16.99 8.66 -8.33
CA LEU B 266 15.84 9.55 -8.16
C LEU B 266 15.19 9.34 -6.79
N ASN B 267 14.76 10.43 -6.18
N ASN B 267 14.75 10.44 -6.18
CA ASN B 267 14.11 10.40 -4.88
CA ASN B 267 14.10 10.40 -4.88
C ASN B 267 12.59 10.36 -4.98
C ASN B 267 12.58 10.48 -4.99
N ASN B 268 12.05 10.25 -6.19
CA ASN B 268 10.59 10.21 -6.40
C ASN B 268 10.19 8.93 -7.11
N VAL B 269 10.98 7.87 -7.00
CA VAL B 269 10.61 6.57 -7.55
CA VAL B 269 10.64 6.57 -7.55
C VAL B 269 10.71 5.55 -6.43
N VAL B 270 9.88 4.52 -6.55
CA VAL B 270 9.92 3.37 -5.66
C VAL B 270 10.15 2.18 -6.56
N LEU B 271 11.21 1.43 -6.30
CA LEU B 271 11.61 0.32 -7.15
C LEU B 271 11.42 -1.00 -6.43
N THR B 272 10.90 -2.00 -7.13
CA THR B 272 10.91 -3.35 -6.63
C THR B 272 11.51 -4.26 -7.68
N PRO B 273 12.22 -5.33 -7.26
CA PRO B 273 13.04 -6.11 -8.20
C PRO B 273 12.25 -7.24 -8.87
N GLY B 274 11.17 -6.88 -9.55
CA GLY B 274 10.39 -7.91 -10.22
C GLY B 274 9.63 -8.80 -9.28
N SER B 275 9.38 -8.34 -8.06
CA SER B 275 8.79 -9.12 -6.99
C SER B 275 7.28 -8.99 -6.90
N ALA B 276 6.65 -8.27 -7.83
CA ALA B 276 5.21 -8.03 -7.76
C ALA B 276 4.41 -9.33 -7.67
N TRP B 277 4.86 -10.36 -8.37
CA TRP B 277 4.08 -11.58 -8.49
C TRP B 277 4.18 -12.51 -7.30
N TYR B 278 5.17 -12.33 -6.42
CA TYR B 278 5.64 -13.46 -5.63
C TYR B 278 4.92 -13.56 -4.29
N SER B 279 3.66 -13.96 -4.36
CA SER B 279 2.90 -14.31 -3.17
C SER B 279 2.82 -15.83 -3.02
N TYR B 280 2.57 -16.27 -1.78
CA TYR B 280 2.31 -17.69 -1.55
C TYR B 280 1.18 -18.19 -2.43
N GLU B 281 0.12 -17.40 -2.55
CA GLU B 281 -1.04 -17.82 -3.33
C GLU B 281 -0.71 -17.91 -4.81
N ALA B 282 0.08 -16.95 -5.30
CA ALA B 282 0.40 -16.92 -6.73
C ALA B 282 1.27 -18.09 -7.11
N ARG B 283 2.31 -18.36 -6.32
CA ARG B 283 3.19 -19.44 -6.71
C ARG B 283 2.50 -20.79 -6.60
N GLU B 284 1.56 -20.94 -5.66
CA GLU B 284 0.77 -22.17 -5.61
C GLU B 284 -0.12 -22.28 -6.85
N LYS B 285 -0.81 -21.20 -7.22
N LYS B 285 -0.82 -21.20 -7.21
CA LYS B 285 -1.62 -21.26 -8.43
CA LYS B 285 -1.63 -21.24 -8.43
C LYS B 285 -0.77 -21.49 -9.67
C LYS B 285 -0.77 -21.48 -9.67
N ASN B 286 0.47 -20.98 -9.66
CA ASN B 286 1.41 -21.24 -10.74
C ASN B 286 1.62 -22.74 -10.94
N MET B 287 1.75 -23.47 -9.82
CA MET B 287 1.90 -24.92 -9.91
C MET B 287 0.63 -25.60 -10.43
N TYR B 288 -0.54 -25.16 -9.95
N TYR B 288 -0.55 -25.15 -9.99
CA TYR B 288 -1.80 -25.69 -10.48
CA TYR B 288 -1.77 -25.76 -10.50
C TYR B 288 -1.87 -25.54 -11.98
C TYR B 288 -1.95 -25.51 -11.99
N GLU B 289 -1.50 -24.36 -12.48
CA GLU B 289 -1.55 -24.10 -13.92
C GLU B 289 -0.54 -24.95 -14.67
N LEU B 290 0.66 -25.13 -14.09
CA LEU B 290 1.65 -26.02 -14.70
C LEU B 290 1.11 -27.44 -14.86
N ILE B 291 0.48 -27.96 -13.79
CA ILE B 291 -0.10 -29.29 -13.84
C ILE B 291 -1.24 -29.37 -14.84
N GLU B 292 -2.13 -28.36 -14.85
CA GLU B 292 -3.23 -28.41 -15.80
C GLU B 292 -2.71 -28.39 -17.22
N ASN B 293 -1.64 -27.63 -17.48
CA ASN B 293 -1.02 -27.62 -18.80
C ASN B 293 -0.52 -29.00 -19.18
N ILE B 294 0.26 -29.64 -18.30
CA ILE B 294 0.83 -30.96 -18.62
C ILE B 294 -0.28 -31.97 -18.87
N GLU B 295 -1.25 -32.05 -17.96
CA GLU B 295 -2.30 -33.04 -18.10
C GLU B 295 -3.13 -32.80 -19.36
N SER B 296 -3.36 -31.53 -19.70
N SER B 296 -3.35 -31.54 -19.71
CA SER B 296 -4.14 -31.22 -20.90
CA SER B 296 -4.16 -31.27 -20.90
C SER B 296 -3.40 -31.67 -22.16
C SER B 296 -3.42 -31.63 -22.18
N TYR B 297 -2.09 -31.48 -22.19
CA TYR B 297 -1.32 -31.93 -23.34
C TYR B 297 -1.35 -33.46 -23.45
N LEU B 298 -1.27 -34.15 -22.31
CA LEU B 298 -1.34 -35.61 -22.32
C LEU B 298 -2.69 -36.11 -22.79
N ALA B 299 -3.76 -35.36 -22.55
CA ALA B 299 -5.08 -35.69 -23.08
C ALA B 299 -5.28 -35.20 -24.50
N GLN B 300 -4.24 -34.66 -25.14
CA GLN B 300 -4.29 -34.15 -26.51
C GLN B 300 -5.34 -33.06 -26.68
N LYS B 301 -5.56 -32.27 -25.62
CA LYS B 301 -6.43 -31.09 -25.67
C LYS B 301 -5.74 -29.99 -24.88
N PRO B 302 -4.63 -29.46 -25.40
CA PRO B 302 -3.84 -28.51 -24.60
C PRO B 302 -4.60 -27.24 -24.29
N VAL B 303 -4.38 -26.75 -23.08
CA VAL B 303 -5.00 -25.51 -22.62
C VAL B 303 -3.93 -24.43 -22.57
N ASN B 304 -4.40 -23.19 -22.39
CA ASN B 304 -3.52 -22.02 -22.20
C ASN B 304 -2.54 -21.88 -23.35
N VAL B 305 -3.01 -22.14 -24.57
CA VAL B 305 -2.13 -22.20 -25.73
C VAL B 305 -1.86 -20.79 -26.25
N ILE B 306 -0.58 -20.48 -26.48
CA ILE B 306 -0.16 -19.20 -27.05
CA ILE B 306 -0.18 -19.20 -27.05
C ILE B 306 -0.26 -19.29 -28.56
N LEU B 307 -0.98 -18.36 -29.18
CA LEU B 307 -1.16 -18.31 -30.63
C LEU B 307 -1.87 -19.56 -31.14
#